data_4QL8
#
_entry.id   4QL8
#
_cell.length_a   55.129
_cell.length_b   65.476
_cell.length_c   68.964
_cell.angle_alpha   90.00
_cell.angle_beta   90.00
_cell.angle_gamma   90.00
#
_symmetry.space_group_name_H-M   'P 21 21 21'
#
loop_
_entity.id
_entity.type
_entity.pdbx_description
1 polymer 'Androgen receptor'
2 non-polymer 2-chloro-4-[(3S,3aS,4S)-4-hydroxy-3-methoxy-3a,4,5,6-tetrahydro-3H-pyrrolo[1,2-b]pyrazol-2-yl]-3-methylbenzonitrile
3 water water
#
_entity_poly.entity_id   1
_entity_poly.type   'polypeptide(L)'
_entity_poly.pdbx_seq_one_letter_code
;GSHIEGYECQPIFLNVLEAIEPGVVCAGHDNNQPDSFAALLSSLNELGERQLVHVVKWAKALPGFRNLHVDDQMAVIQYS
WMGLMVFAMGWRSFTNVNSRMLYFAPDLVFNEYRMHKSRMYSQCVRMRHLSQEFGWLQITPQEFLCMKALLLFSIIPVDG
LKNQKFFDELRMNYIKELDRIIACKRKNPTSCSRRFYQLTKLLDSVQPIARELHQFTFDLLIKSHMVSVDFPEMMAEIIS
VQVPKILSGKVKPIYFHTQ
;
_entity_poly.pdbx_strand_id   A
#
# COMPACT_ATOMS: atom_id res chain seq x y z
N PRO A 11 17.94 14.73 -13.10
CA PRO A 11 16.92 14.11 -12.22
C PRO A 11 16.84 12.60 -12.47
N ILE A 12 17.97 11.92 -12.28
CA ILE A 12 18.09 10.49 -12.58
C ILE A 12 17.16 9.65 -11.71
N PHE A 13 17.20 9.92 -10.39
CA PHE A 13 16.37 9.18 -9.44
C PHE A 13 14.88 9.29 -9.76
N LEU A 14 14.41 10.52 -10.00
CA LEU A 14 12.99 10.75 -10.31
C LEU A 14 12.59 10.27 -11.71
N ASN A 15 13.53 10.30 -12.65
CA ASN A 15 13.30 9.71 -13.97
C ASN A 15 12.92 8.24 -13.87
N VAL A 16 13.60 7.52 -12.98
CA VAL A 16 13.37 6.08 -12.81
C VAL A 16 12.01 5.82 -12.18
N LEU A 17 11.70 6.51 -11.09
CA LEU A 17 10.42 6.32 -10.38
C LEU A 17 9.24 6.55 -11.31
N GLU A 18 9.29 7.64 -12.09
CA GLU A 18 8.26 7.93 -13.08
C GLU A 18 8.15 6.80 -14.11
N ALA A 19 9.29 6.36 -14.62
CA ALA A 19 9.34 5.32 -15.65
C ALA A 19 8.75 3.98 -15.20
N ILE A 20 9.07 3.58 -13.97
CA ILE A 20 8.62 2.28 -13.44
C ILE A 20 7.21 2.30 -12.81
N GLU A 21 6.63 3.50 -12.65
CA GLU A 21 5.32 3.63 -12.01
C GLU A 21 4.25 2.82 -12.76
N PRO A 22 3.62 1.85 -12.08
CA PRO A 22 2.65 0.96 -12.73
C PRO A 22 1.53 1.70 -13.48
N GLY A 23 1.03 1.07 -14.54
CA GLY A 23 -0.12 1.59 -15.28
C GLY A 23 -1.41 1.32 -14.54
N VAL A 24 -2.52 1.39 -15.27
CA VAL A 24 -3.84 1.17 -14.67
C VAL A 24 -4.08 -0.33 -14.47
N VAL A 25 -4.65 -0.67 -13.30
CA VAL A 25 -4.95 -2.07 -12.98
C VAL A 25 -6.43 -2.19 -12.63
N CYS A 26 -7.14 -3.03 -13.38
CA CYS A 26 -8.57 -3.24 -13.16
C CYS A 26 -8.81 -4.42 -12.25
N ALA A 27 -9.95 -4.42 -11.56
CA ALA A 27 -10.32 -5.49 -10.63
C ALA A 27 -11.06 -6.64 -11.32
N GLY A 28 -11.74 -6.34 -12.43
CA GLY A 28 -12.57 -7.31 -13.13
C GLY A 28 -13.93 -7.53 -12.47
N HIS A 29 -14.39 -6.52 -11.73
CA HIS A 29 -15.63 -6.61 -10.96
C HIS A 29 -16.86 -6.44 -11.87
N ASP A 30 -17.91 -7.19 -11.58
CA ASP A 30 -19.17 -7.07 -12.31
C ASP A 30 -20.00 -5.93 -11.71
N ASN A 31 -19.95 -4.77 -12.34
CA ASN A 31 -20.69 -3.59 -11.89
C ASN A 31 -22.18 -3.60 -12.24
N ASN A 32 -22.62 -4.59 -13.02
CA ASN A 32 -24.04 -4.74 -13.36
C ASN A 32 -24.82 -5.58 -12.33
N GLN A 33 -24.11 -6.34 -11.50
CA GLN A 33 -24.73 -7.00 -10.36
C GLN A 33 -25.15 -5.95 -9.35
N PRO A 34 -26.31 -6.14 -8.69
CA PRO A 34 -26.55 -5.40 -7.45
C PRO A 34 -25.45 -5.71 -6.43
N ASP A 35 -25.05 -4.70 -5.66
CA ASP A 35 -23.93 -4.84 -4.73
C ASP A 35 -24.15 -5.95 -3.71
N SER A 36 -23.08 -6.70 -3.43
CA SER A 36 -23.09 -7.72 -2.38
C SER A 36 -21.74 -7.80 -1.71
N PHE A 37 -21.73 -8.14 -0.42
CA PHE A 37 -20.50 -8.28 0.36
C PHE A 37 -19.54 -9.27 -0.30
N ALA A 38 -20.05 -10.44 -0.66
CA ALA A 38 -19.25 -11.52 -1.24
C ALA A 38 -18.56 -11.11 -2.55
N ALA A 39 -19.31 -10.45 -3.43
CA ALA A 39 -18.79 -10.04 -4.74
C ALA A 39 -17.79 -8.89 -4.64
N LEU A 40 -18.08 -7.91 -3.77
CA LEU A 40 -17.21 -6.74 -3.61
C LEU A 40 -15.83 -7.12 -3.08
N LEU A 41 -15.79 -7.94 -2.04
CA LEU A 41 -14.53 -8.31 -1.42
C LEU A 41 -13.76 -9.39 -2.19
N SER A 42 -14.48 -10.23 -2.93
CA SER A 42 -13.83 -11.14 -3.86
C SER A 42 -13.11 -10.36 -4.96
N SER A 43 -13.72 -9.26 -5.41
CA SER A 43 -13.11 -8.38 -6.39
C SER A 43 -11.94 -7.58 -5.81
N LEU A 44 -12.06 -7.17 -4.55
CA LEU A 44 -10.94 -6.53 -3.83
C LEU A 44 -9.78 -7.52 -3.68
N ASN A 45 -10.11 -8.76 -3.34
CA ASN A 45 -9.09 -9.82 -3.25
C ASN A 45 -8.43 -10.10 -4.59
N GLU A 46 -9.23 -10.13 -5.66
CA GLU A 46 -8.71 -10.32 -7.00
C GLU A 46 -7.83 -9.14 -7.42
N LEU A 47 -8.27 -7.92 -7.09
CA LEU A 47 -7.49 -6.72 -7.36
C LEU A 47 -6.18 -6.72 -6.57
N GLY A 48 -6.24 -7.19 -5.32
CA GLY A 48 -5.05 -7.32 -4.49
C GLY A 48 -4.02 -8.26 -5.09
N GLU A 49 -4.51 -9.34 -5.71
CA GLU A 49 -3.66 -10.28 -6.44
C GLU A 49 -2.99 -9.60 -7.63
N ARG A 50 -3.78 -8.88 -8.42
CA ARG A 50 -3.26 -8.20 -9.61
C ARG A 50 -2.30 -7.08 -9.24
N GLN A 51 -2.64 -6.30 -8.21
CA GLN A 51 -1.77 -5.23 -7.72
C GLN A 51 -0.45 -5.76 -7.18
N LEU A 52 -0.49 -6.91 -6.51
CA LEU A 52 0.73 -7.54 -5.99
C LEU A 52 1.72 -7.87 -7.10
N VAL A 53 1.21 -8.37 -8.23
CA VAL A 53 2.04 -8.68 -9.40
C VAL A 53 2.76 -7.43 -9.89
N HIS A 54 2.02 -6.33 -10.03
CA HIS A 54 2.59 -5.05 -10.46
C HIS A 54 3.52 -4.44 -9.42
N VAL A 55 3.22 -4.64 -8.15
CA VAL A 55 4.06 -4.13 -7.05
C VAL A 55 5.41 -4.85 -7.02
N VAL A 56 5.41 -6.15 -7.27
CA VAL A 56 6.65 -6.94 -7.30
C VAL A 56 7.54 -6.48 -8.46
N LYS A 57 6.97 -6.32 -9.65
CA LYS A 57 7.70 -5.83 -10.82
C LYS A 57 8.18 -4.40 -10.61
N TRP A 58 7.35 -3.57 -9.99
CA TRP A 58 7.71 -2.20 -9.64
C TRP A 58 8.87 -2.17 -8.65
N ALA A 59 8.74 -2.91 -7.55
CA ALA A 59 9.74 -2.95 -6.49
C ALA A 59 11.10 -3.44 -6.98
N LYS A 60 11.10 -4.47 -7.80
CA LYS A 60 12.35 -5.05 -8.33
C LYS A 60 13.09 -4.13 -9.30
N ALA A 61 12.38 -3.15 -9.87
CA ALA A 61 12.98 -2.16 -10.77
C ALA A 61 13.39 -0.86 -10.06
N LEU A 62 13.26 -0.84 -8.73
CA LEU A 62 13.63 0.36 -7.96
C LEU A 62 15.15 0.49 -7.84
N PRO A 63 15.65 1.74 -7.88
CA PRO A 63 17.08 2.00 -7.66
C PRO A 63 17.65 1.34 -6.41
N GLY A 64 18.66 0.49 -6.59
CA GLY A 64 19.37 -0.14 -5.48
C GLY A 64 18.63 -1.27 -4.79
N PHE A 65 17.54 -1.76 -5.38
CA PHE A 65 16.73 -2.79 -4.74
C PHE A 65 17.44 -4.14 -4.65
N ARG A 66 18.17 -4.50 -5.70
CA ARG A 66 18.90 -5.77 -5.71
C ARG A 66 20.24 -5.72 -4.95
N ASN A 67 20.50 -4.61 -4.26
CA ASN A 67 21.51 -4.57 -3.20
C ASN A 67 21.06 -5.41 -2.00
N LEU A 68 19.74 -5.52 -1.83
CA LEU A 68 19.18 -6.34 -0.77
C LEU A 68 19.48 -7.82 -0.99
N HIS A 69 19.50 -8.58 0.10
CA HIS A 69 19.65 -10.03 0.04
C HIS A 69 18.42 -10.63 -0.65
N VAL A 70 18.63 -11.68 -1.44
CA VAL A 70 17.56 -12.28 -2.26
C VAL A 70 16.36 -12.68 -1.42
N ASP A 71 16.61 -13.30 -0.27
CA ASP A 71 15.56 -13.70 0.67
C ASP A 71 14.79 -12.51 1.25
N ASP A 72 15.48 -11.38 1.42
CA ASP A 72 14.86 -10.17 1.96
C ASP A 72 13.99 -9.43 0.92
N GLN A 73 14.30 -9.62 -0.36
CA GLN A 73 13.62 -8.88 -1.43
C GLN A 73 12.11 -9.12 -1.45
N MET A 74 11.69 -10.39 -1.48
CA MET A 74 10.27 -10.72 -1.51
C MET A 74 9.59 -10.43 -0.17
N ALA A 75 10.30 -10.70 0.92
CA ALA A 75 9.75 -10.46 2.26
C ALA A 75 9.37 -9.00 2.48
N VAL A 76 10.27 -8.10 2.11
CA VAL A 76 10.04 -6.65 2.25
C VAL A 76 8.84 -6.19 1.43
N ILE A 77 8.70 -6.73 0.22
CA ILE A 77 7.56 -6.41 -0.64
C ILE A 77 6.24 -6.91 -0.02
N GLN A 78 6.27 -8.14 0.48
CA GLN A 78 5.08 -8.78 1.05
C GLN A 78 4.59 -8.09 2.33
N TYR A 79 5.53 -7.61 3.15
CA TYR A 79 5.16 -6.88 4.38
C TYR A 79 4.56 -5.51 4.06
N SER A 80 5.17 -4.81 3.09
CA SER A 80 4.73 -3.46 2.72
C SER A 80 3.56 -3.45 1.74
N TRP A 81 3.26 -4.60 1.14
CA TRP A 81 2.25 -4.73 0.09
C TRP A 81 0.94 -3.98 0.37
N MET A 82 0.36 -4.19 1.55
CA MET A 82 -0.92 -3.56 1.90
C MET A 82 -0.81 -2.04 1.98
N GLY A 83 0.22 -1.55 2.67
CA GLY A 83 0.47 -0.11 2.80
C GLY A 83 0.70 0.57 1.46
N LEU A 84 1.47 -0.08 0.60
CA LEU A 84 1.72 0.42 -0.76
C LEU A 84 0.43 0.53 -1.58
N MET A 85 -0.42 -0.50 -1.49
CA MET A 85 -1.71 -0.49 -2.18
C MET A 85 -2.61 0.66 -1.69
N VAL A 86 -2.67 0.82 -0.37
CA VAL A 86 -3.50 1.87 0.26
C VAL A 86 -3.03 3.27 -0.14
N PHE A 87 -1.72 3.48 -0.14
CA PHE A 87 -1.14 4.79 -0.43
C PHE A 87 -1.40 5.21 -1.87
N ALA A 88 -1.14 4.31 -2.81
CA ALA A 88 -1.40 4.56 -4.24
C ALA A 88 -2.89 4.74 -4.52
N MET A 89 -3.73 3.97 -3.83
CA MET A 89 -5.18 4.06 -4.00
C MET A 89 -5.70 5.43 -3.54
N GLY A 90 -5.17 5.91 -2.42
CA GLY A 90 -5.50 7.25 -1.92
C GLY A 90 -5.11 8.35 -2.90
N TRP A 91 -3.98 8.17 -3.57
CA TRP A 91 -3.51 9.10 -4.59
C TRP A 91 -4.42 9.06 -5.83
N ARG A 92 -4.72 7.87 -6.33
CA ARG A 92 -5.73 7.63 -7.36
C ARG A 92 -7.04 8.34 -7.04
N SER A 93 -7.54 8.11 -5.86
CA SER A 93 -8.80 8.70 -5.41
C SER A 93 -8.75 10.23 -5.47
N PHE A 94 -7.63 10.80 -5.02
CA PHE A 94 -7.45 12.25 -5.04
C PHE A 94 -7.43 12.80 -6.48
N THR A 95 -6.60 12.20 -7.34
CA THR A 95 -6.40 12.71 -8.69
C THR A 95 -7.60 12.49 -9.62
N ASN A 96 -8.25 11.35 -9.48
CA ASN A 96 -9.36 10.98 -10.38
C ASN A 96 -10.72 11.56 -9.98
N VAL A 97 -11.06 11.47 -8.69
CA VAL A 97 -12.39 11.87 -8.21
C VAL A 97 -12.35 12.86 -7.04
N ASN A 98 -11.20 13.51 -6.83
CA ASN A 98 -11.04 14.50 -5.75
C ASN A 98 -11.48 13.96 -4.38
N SER A 99 -11.10 12.72 -4.10
CA SER A 99 -11.39 12.05 -2.82
C SER A 99 -12.89 11.88 -2.51
N ARG A 100 -13.73 11.98 -3.54
CA ARG A 100 -15.17 11.82 -3.37
C ARG A 100 -15.54 10.35 -3.17
N MET A 101 -14.77 9.48 -3.81
CA MET A 101 -14.93 8.03 -3.67
C MET A 101 -13.55 7.37 -3.59
N LEU A 102 -13.51 6.13 -3.13
CA LEU A 102 -12.27 5.38 -3.08
C LEU A 102 -12.04 4.67 -4.42
N TYR A 103 -11.03 5.15 -5.16
CA TYR A 103 -10.74 4.67 -6.50
C TYR A 103 -9.78 3.48 -6.43
N PHE A 104 -10.29 2.32 -6.02
CA PHE A 104 -9.48 1.09 -6.00
C PHE A 104 -9.07 0.70 -7.42
N ALA A 105 -10.01 0.85 -8.35
CA ALA A 105 -9.75 0.62 -9.76
C ALA A 105 -10.84 1.33 -10.57
N PRO A 106 -10.61 1.53 -11.89
CA PRO A 106 -11.65 2.13 -12.72
C PRO A 106 -12.99 1.39 -12.67
N ASP A 107 -12.93 0.06 -12.55
CA ASP A 107 -14.13 -0.77 -12.45
C ASP A 107 -14.47 -1.19 -11.02
N LEU A 108 -13.87 -0.50 -10.04
CA LEU A 108 -14.16 -0.76 -8.63
C LEU A 108 -13.98 0.53 -7.82
N VAL A 109 -14.96 1.42 -7.94
CA VAL A 109 -14.95 2.70 -7.24
C VAL A 109 -15.98 2.67 -6.10
N PHE A 110 -15.49 2.79 -4.87
CA PHE A 110 -16.35 2.68 -3.68
C PHE A 110 -16.99 4.01 -3.31
N ASN A 111 -18.31 4.10 -3.43
CA ASN A 111 -19.07 5.18 -2.81
C ASN A 111 -19.41 4.80 -1.36
N GLU A 112 -20.03 5.71 -0.62
CA GLU A 112 -20.35 5.48 0.80
C GLU A 112 -21.20 4.22 1.01
N TYR A 113 -22.10 3.92 0.07
CA TYR A 113 -22.91 2.71 0.13
C TYR A 113 -22.04 1.45 0.03
N ARG A 114 -21.06 1.48 -0.87
CA ARG A 114 -20.15 0.36 -1.07
C ARG A 114 -19.17 0.21 0.10
N MET A 115 -18.83 1.33 0.74
CA MET A 115 -18.01 1.30 1.96
C MET A 115 -18.74 0.57 3.09
N HIS A 116 -20.04 0.84 3.20
CA HIS A 116 -20.90 0.18 4.18
C HIS A 116 -21.14 -1.28 3.81
N LYS A 117 -21.39 -1.54 2.53
CA LYS A 117 -21.69 -2.88 2.04
C LYS A 117 -20.52 -3.84 2.22
N SER A 118 -19.29 -3.33 2.12
CA SER A 118 -18.08 -4.13 2.30
C SER A 118 -17.78 -4.45 3.77
N ARG A 119 -18.50 -3.81 4.69
CA ARG A 119 -18.25 -3.96 6.13
C ARG A 119 -16.86 -3.48 6.53
N MET A 120 -16.32 -2.52 5.76
CA MET A 120 -15.03 -1.91 6.03
C MET A 120 -15.19 -0.40 6.14
N TYR A 121 -16.34 0.05 6.62
CA TYR A 121 -16.66 1.48 6.58
C TYR A 121 -15.60 2.31 7.32
N SER A 122 -15.26 1.88 8.53
CA SER A 122 -14.25 2.56 9.34
C SER A 122 -12.92 2.70 8.59
N GLN A 123 -12.48 1.60 7.99
CA GLN A 123 -11.20 1.58 7.24
C GLN A 123 -11.28 2.45 5.99
N CYS A 124 -12.40 2.40 5.28
CA CYS A 124 -12.61 3.22 4.09
C CYS A 124 -12.63 4.71 4.40
N VAL A 125 -13.27 5.08 5.50
CA VAL A 125 -13.31 6.46 5.97
C VAL A 125 -11.90 7.01 6.21
N ARG A 126 -11.05 6.22 6.85
CA ARG A 126 -9.66 6.61 7.11
C ARG A 126 -8.84 6.70 5.82
N MET A 127 -9.13 5.81 4.87
CA MET A 127 -8.47 5.86 3.56
C MET A 127 -8.97 7.05 2.74
N ARG A 128 -10.22 7.45 2.96
CA ARG A 128 -10.76 8.66 2.33
C ARG A 128 -10.09 9.91 2.90
N HIS A 129 -9.80 9.88 4.21
CA HIS A 129 -9.08 10.98 4.85
C HIS A 129 -7.67 11.09 4.28
N LEU A 130 -6.98 9.95 4.16
CA LEU A 130 -5.65 9.89 3.54
C LEU A 130 -5.67 10.48 2.13
N SER A 131 -6.71 10.15 1.36
CA SER A 131 -6.90 10.68 0.01
C SER A 131 -7.02 12.21 0.03
N GLN A 132 -7.79 12.73 0.99
CA GLN A 132 -7.98 14.17 1.12
C GLN A 132 -6.71 14.91 1.54
N GLU A 133 -5.85 14.25 2.31
CA GLU A 133 -4.60 14.84 2.77
C GLU A 133 -3.63 15.14 1.64
N PHE A 134 -3.69 14.35 0.56
CA PHE A 134 -2.91 14.64 -0.65
C PHE A 134 -3.27 16.02 -1.20
N GLY A 135 -4.56 16.37 -1.15
CA GLY A 135 -5.02 17.69 -1.58
C GLY A 135 -4.72 18.78 -0.57
N TRP A 136 -5.02 18.53 0.70
CA TRP A 136 -4.80 19.51 1.76
C TRP A 136 -3.33 19.90 1.88
N LEU A 137 -2.44 18.90 1.82
CA LEU A 137 -1.00 19.15 1.90
C LEU A 137 -0.40 19.57 0.57
N GLN A 138 -1.19 19.52 -0.51
CA GLN A 138 -0.73 19.86 -1.85
C GLN A 138 0.46 18.99 -2.25
N ILE A 139 0.30 17.68 -2.07
CA ILE A 139 1.34 16.71 -2.37
C ILE A 139 1.59 16.68 -3.88
N THR A 140 2.83 16.91 -4.29
CA THR A 140 3.18 16.89 -5.70
C THR A 140 3.27 15.45 -6.19
N PRO A 141 3.16 15.25 -7.52
CA PRO A 141 3.33 13.89 -8.06
C PRO A 141 4.71 13.29 -7.75
N GLN A 142 5.73 14.14 -7.64
CA GLN A 142 7.10 13.69 -7.40
C GLN A 142 7.30 13.27 -5.95
N GLU A 143 6.75 14.06 -5.03
CA GLU A 143 6.72 13.70 -3.61
C GLU A 143 6.02 12.36 -3.39
N PHE A 144 4.88 12.17 -4.06
CA PHE A 144 4.13 10.92 -3.98
C PHE A 144 4.96 9.72 -4.40
N LEU A 145 5.68 9.85 -5.52
CA LEU A 145 6.51 8.75 -6.04
C LEU A 145 7.62 8.37 -5.07
N CYS A 146 8.29 9.38 -4.50
CA CYS A 146 9.38 9.14 -3.55
C CYS A 146 8.86 8.60 -2.22
N MET A 147 7.74 9.16 -1.75
CA MET A 147 7.09 8.67 -0.53
C MET A 147 6.66 7.21 -0.67
N LYS A 148 6.06 6.88 -1.81
CA LYS A 148 5.61 5.51 -2.08
C LYS A 148 6.79 4.53 -2.12
N ALA A 149 7.90 4.95 -2.71
CA ALA A 149 9.12 4.14 -2.74
C ALA A 149 9.68 3.96 -1.33
N LEU A 150 9.59 5.01 -0.52
CA LEU A 150 10.03 4.95 0.88
C LEU A 150 9.15 4.03 1.72
N LEU A 151 7.86 3.95 1.39
CA LEU A 151 6.92 3.05 2.08
C LEU A 151 7.31 1.58 1.99
N LEU A 152 7.95 1.20 0.88
CA LEU A 152 8.41 -0.19 0.70
C LEU A 152 9.41 -0.60 1.79
N PHE A 153 10.28 0.34 2.16
CA PHE A 153 11.34 0.07 3.14
C PHE A 153 10.99 0.59 4.53
N SER A 154 9.72 0.45 4.93
CA SER A 154 9.24 1.02 6.19
C SER A 154 8.62 -0.02 7.12
N ILE A 155 9.04 -1.27 7.01
CA ILE A 155 8.54 -2.35 7.87
C ILE A 155 9.48 -3.55 7.85
N ILE A 156 9.91 -3.97 9.05
CA ILE A 156 10.94 -5.00 9.19
C ILE A 156 10.69 -5.91 10.39
N PRO A 157 11.22 -7.15 10.35
CA PRO A 157 11.08 -8.08 11.47
C PRO A 157 11.95 -7.70 12.67
N VAL A 158 11.45 -7.96 13.88
CA VAL A 158 12.18 -7.65 15.11
C VAL A 158 13.47 -8.49 15.20
N ASP A 159 13.41 -9.73 14.72
CA ASP A 159 14.59 -10.61 14.68
C ASP A 159 15.57 -10.28 13.55
N GLY A 160 15.27 -9.23 12.78
CA GLY A 160 16.20 -8.72 11.77
C GLY A 160 16.10 -9.44 10.44
N LEU A 161 16.41 -8.70 9.37
CA LEU A 161 16.47 -9.28 8.03
C LEU A 161 17.75 -10.10 7.87
N LYS A 162 17.82 -10.87 6.79
CA LYS A 162 19.00 -11.70 6.49
C LYS A 162 20.26 -10.82 6.46
N ASN A 163 20.15 -9.70 5.75
CA ASN A 163 21.17 -8.65 5.83
C ASN A 163 20.49 -7.30 6.10
N GLN A 164 20.40 -6.95 7.37
CA GLN A 164 19.72 -5.72 7.79
C GLN A 164 20.48 -4.47 7.38
N LYS A 165 21.80 -4.57 7.28
CA LYS A 165 22.66 -3.42 6.95
C LYS A 165 22.39 -2.86 5.56
N PHE A 166 22.21 -3.74 4.57
CA PHE A 166 21.90 -3.31 3.21
C PHE A 166 20.54 -2.61 3.15
N PHE A 167 19.56 -3.13 3.88
CA PHE A 167 18.24 -2.53 3.98
C PHE A 167 18.32 -1.13 4.59
N ASP A 168 19.06 -1.03 5.70
CA ASP A 168 19.25 0.24 6.40
C ASP A 168 19.90 1.30 5.50
N GLU A 169 20.91 0.89 4.75
CA GLU A 169 21.59 1.77 3.80
C GLU A 169 20.62 2.23 2.72
N LEU A 170 19.83 1.29 2.20
CA LEU A 170 18.86 1.58 1.15
C LEU A 170 17.78 2.54 1.63
N ARG A 171 17.25 2.29 2.83
CA ARG A 171 16.25 3.18 3.44
C ARG A 171 16.78 4.60 3.60
N MET A 172 18.02 4.71 4.10
CA MET A 172 18.68 6.00 4.29
C MET A 172 18.78 6.77 2.97
N ASN A 173 19.14 6.07 1.89
CA ASN A 173 19.28 6.69 0.58
C ASN A 173 17.96 7.27 0.05
N TYR A 174 16.87 6.54 0.27
CA TYR A 174 15.55 7.01 -0.18
C TYR A 174 15.04 8.20 0.64
N ILE A 175 15.39 8.24 1.92
CA ILE A 175 15.11 9.40 2.78
C ILE A 175 15.91 10.61 2.30
N LYS A 176 17.15 10.38 1.86
CA LYS A 176 17.98 11.45 1.31
C LYS A 176 17.38 12.03 0.02
N GLU A 177 16.83 11.17 -0.83
CA GLU A 177 16.19 11.61 -2.06
C GLU A 177 14.94 12.45 -1.78
N LEU A 178 14.22 12.10 -0.71
CA LEU A 178 13.06 12.88 -0.28
C LEU A 178 13.49 14.28 0.20
N ASP A 179 14.63 14.36 0.87
CA ASP A 179 15.18 15.65 1.30
C ASP A 179 15.51 16.53 0.10
N ARG A 180 16.14 15.93 -0.91
CA ARG A 180 16.50 16.64 -2.13
C ARG A 180 15.27 17.15 -2.89
N ILE A 181 14.22 16.33 -2.94
CA ILE A 181 12.96 16.72 -3.57
C ILE A 181 12.31 17.88 -2.82
N ILE A 182 12.36 17.84 -1.48
CA ILE A 182 11.83 18.91 -0.64
C ILE A 182 12.64 20.20 -0.81
N ALA A 183 13.96 20.08 -0.87
CA ALA A 183 14.84 21.23 -1.03
C ALA A 183 14.73 21.82 -2.45
N CYS A 184 14.21 23.04 -2.53
CA CYS A 184 14.06 23.74 -3.81
C CYS A 184 13.82 25.23 -3.57
N CYS A 192 11.80 23.51 4.50
CA CYS A 192 12.27 22.13 4.34
C CYS A 192 11.92 21.30 5.56
N SER A 193 12.18 21.85 6.74
CA SER A 193 11.89 21.18 8.00
C SER A 193 10.40 20.94 8.18
N ARG A 194 9.62 22.00 7.99
CA ARG A 194 8.16 21.93 8.11
C ARG A 194 7.56 20.94 7.11
N ARG A 195 8.13 20.91 5.90
CA ARG A 195 7.65 20.02 4.84
C ARG A 195 7.94 18.56 5.18
N PHE A 196 9.17 18.28 5.59
CA PHE A 196 9.58 16.92 5.97
C PHE A 196 8.71 16.38 7.11
N TYR A 197 8.37 17.27 8.05
CA TYR A 197 7.48 16.91 9.15
C TYR A 197 6.11 16.47 8.64
N GLN A 198 5.54 17.24 7.72
CA GLN A 198 4.22 16.94 7.14
C GLN A 198 4.20 15.61 6.40
N LEU A 199 5.23 15.36 5.59
CA LEU A 199 5.30 14.17 4.75
C LEU A 199 5.54 12.90 5.56
N THR A 200 6.40 12.97 6.57
CA THR A 200 6.69 11.83 7.44
C THR A 200 5.49 11.48 8.33
N LYS A 201 4.71 12.50 8.71
CA LYS A 201 3.48 12.30 9.47
C LYS A 201 2.43 11.61 8.60
N LEU A 202 2.37 11.99 7.32
CA LEU A 202 1.46 11.36 6.36
C LEU A 202 1.84 9.90 6.13
N LEU A 203 3.14 9.65 6.00
CA LEU A 203 3.65 8.27 5.82
C LEU A 203 3.32 7.40 7.02
N ASP A 204 3.49 7.94 8.22
CA ASP A 204 3.13 7.24 9.46
C ASP A 204 1.66 6.84 9.51
N SER A 205 0.78 7.71 9.01
CA SER A 205 -0.67 7.47 9.05
C SER A 205 -1.13 6.29 8.19
N VAL A 206 -0.29 5.85 7.26
CA VAL A 206 -0.60 4.70 6.42
C VAL A 206 -0.57 3.39 7.22
N GLN A 207 0.32 3.31 8.20
CA GLN A 207 0.57 2.05 8.92
C GLN A 207 -0.62 1.58 9.78
N PRO A 208 -1.23 2.48 10.59
CA PRO A 208 -2.46 2.10 11.30
C PRO A 208 -3.60 1.64 10.38
N ILE A 209 -3.69 2.23 9.20
CA ILE A 209 -4.72 1.85 8.22
C ILE A 209 -4.42 0.45 7.67
N ALA A 210 -3.17 0.20 7.31
CA ALA A 210 -2.74 -1.10 6.81
C ALA A 210 -2.94 -2.19 7.87
N ARG A 211 -2.71 -1.84 9.14
CA ARG A 211 -2.93 -2.74 10.27
C ARG A 211 -4.39 -3.18 10.35
N GLU A 212 -5.31 -2.22 10.31
CA GLU A 212 -6.75 -2.51 10.36
C GLU A 212 -7.20 -3.36 9.17
N LEU A 213 -6.64 -3.09 8.00
CA LEU A 213 -6.92 -3.88 6.79
C LEU A 213 -6.33 -5.28 6.89
N HIS A 214 -5.11 -5.38 7.43
CA HIS A 214 -4.47 -6.68 7.67
C HIS A 214 -5.32 -7.55 8.59
N GLN A 215 -5.80 -6.97 9.69
CA GLN A 215 -6.67 -7.68 10.63
C GLN A 215 -7.98 -8.11 9.98
N PHE A 216 -8.56 -7.21 9.19
CA PHE A 216 -9.84 -7.46 8.55
C PHE A 216 -9.76 -8.55 7.49
N THR A 217 -8.75 -8.48 6.62
CA THR A 217 -8.57 -9.49 5.57
C THR A 217 -8.14 -10.85 6.14
N PHE A 218 -7.41 -10.82 7.26
CA PHE A 218 -7.03 -12.04 7.99
C PHE A 218 -8.28 -12.76 8.48
N ASP A 219 -9.13 -12.04 9.21
CA ASP A 219 -10.39 -12.60 9.71
C ASP A 219 -11.25 -13.15 8.58
N LEU A 220 -11.32 -12.39 7.49
CA LEU A 220 -12.13 -12.77 6.33
C LEU A 220 -11.61 -14.06 5.68
N LEU A 221 -10.29 -14.22 5.65
CA LEU A 221 -9.68 -15.45 5.12
C LEU A 221 -10.04 -16.67 5.97
N ILE A 222 -10.03 -16.49 7.30
CA ILE A 222 -10.32 -17.58 8.23
C ILE A 222 -11.78 -18.04 8.13
N LYS A 223 -12.69 -17.12 7.83
CA LYS A 223 -14.11 -17.46 7.66
C LYS A 223 -14.57 -17.34 6.20
N SER A 224 -13.62 -17.36 5.26
CA SER A 224 -13.92 -17.17 3.84
C SER A 224 -14.94 -18.19 3.32
N HIS A 225 -14.76 -19.45 3.71
CA HIS A 225 -15.68 -20.53 3.32
C HIS A 225 -17.13 -20.28 3.75
N MET A 226 -17.32 -19.60 4.88
CA MET A 226 -18.66 -19.31 5.40
C MET A 226 -19.35 -18.16 4.65
N VAL A 227 -18.60 -17.10 4.36
CA VAL A 227 -19.16 -15.89 3.74
C VAL A 227 -19.08 -15.88 2.21
N SER A 228 -18.59 -16.96 1.62
CA SER A 228 -18.48 -17.11 0.16
C SER A 228 -17.60 -16.02 -0.48
N VAL A 229 -16.45 -15.74 0.13
CA VAL A 229 -15.49 -14.78 -0.41
C VAL A 229 -14.27 -15.54 -0.94
N ASP A 230 -13.96 -15.31 -2.21
CA ASP A 230 -12.83 -15.99 -2.86
C ASP A 230 -11.50 -15.32 -2.50
N PHE A 231 -10.51 -16.15 -2.18
CA PHE A 231 -9.14 -15.69 -1.97
C PHE A 231 -8.21 -16.43 -2.93
N PRO A 232 -7.62 -15.71 -3.92
CA PRO A 232 -6.61 -16.29 -4.81
C PRO A 232 -5.46 -17.01 -4.07
N GLU A 233 -4.74 -17.86 -4.77
CA GLU A 233 -3.70 -18.70 -4.16
C GLU A 233 -2.60 -17.88 -3.51
N MET A 234 -2.15 -16.86 -4.20
CA MET A 234 -1.03 -16.08 -3.78
C MET A 234 -1.40 -15.16 -2.64
N MET A 235 -2.64 -14.64 -2.66
CA MET A 235 -3.31 -13.96 -1.53
C MET A 235 -3.41 -14.78 -0.27
N ALA A 236 -3.94 -15.98 -0.35
CA ALA A 236 -4.10 -16.84 0.82
C ALA A 236 -2.76 -17.11 1.50
N GLU A 237 -1.71 -17.27 0.70
CA GLU A 237 -0.36 -17.52 1.21
C GLU A 237 0.14 -16.36 2.06
N ILE A 238 0.21 -15.17 1.47
CA ILE A 238 0.74 -13.98 2.16
C ILE A 238 -0.05 -13.65 3.43
N ILE A 239 -1.37 -13.72 3.34
CA ILE A 239 -2.24 -13.38 4.47
C ILE A 239 -2.19 -14.47 5.57
N SER A 240 -1.79 -15.68 5.20
CA SER A 240 -1.65 -16.79 6.16
C SER A 240 -0.22 -16.95 6.68
N VAL A 241 0.77 -16.50 5.91
CA VAL A 241 2.18 -16.69 6.25
C VAL A 241 2.86 -15.40 6.71
N GLN A 242 2.68 -14.32 5.95
CA GLN A 242 3.40 -13.07 6.19
C GLN A 242 2.65 -12.11 7.10
N VAL A 243 1.35 -11.94 6.86
CA VAL A 243 0.53 -10.99 7.62
C VAL A 243 0.46 -11.29 9.12
N PRO A 244 0.30 -12.58 9.51
CA PRO A 244 0.27 -12.91 10.94
C PRO A 244 1.55 -12.54 11.70
N LYS A 245 2.68 -12.52 11.02
CA LYS A 245 3.94 -12.04 11.62
C LYS A 245 3.82 -10.58 12.03
N ILE A 246 3.12 -9.79 11.21
CA ILE A 246 2.89 -8.38 11.52
C ILE A 246 1.87 -8.24 12.65
N LEU A 247 0.78 -9.00 12.57
CA LEU A 247 -0.28 -8.95 13.57
C LEU A 247 0.15 -9.48 14.93
N SER A 248 1.08 -10.44 14.94
CA SER A 248 1.60 -11.01 16.20
C SER A 248 2.78 -10.22 16.78
N GLY A 249 3.19 -9.14 16.10
CA GLY A 249 4.22 -8.25 16.62
C GLY A 249 5.65 -8.62 16.27
N LYS A 250 5.84 -9.66 15.46
CA LYS A 250 7.16 -10.08 15.01
C LYS A 250 7.72 -9.09 13.99
N VAL A 251 6.87 -8.64 13.08
CA VAL A 251 7.23 -7.66 12.08
C VAL A 251 6.51 -6.35 12.41
N LYS A 252 7.28 -5.28 12.58
CA LYS A 252 6.71 -3.98 12.95
C LYS A 252 7.13 -2.89 11.96
N PRO A 253 6.24 -1.91 11.73
CA PRO A 253 6.57 -0.81 10.85
C PRO A 253 7.54 0.20 11.48
N ILE A 254 8.31 0.88 10.64
CA ILE A 254 9.22 1.92 11.10
C ILE A 254 8.48 3.26 11.12
N TYR A 255 8.07 3.70 12.31
CA TYR A 255 7.42 4.99 12.46
C TYR A 255 8.46 6.09 12.58
N PHE A 256 8.22 7.22 11.90
CA PHE A 256 9.06 8.40 12.04
C PHE A 256 8.84 9.08 13.39
N HIS A 257 7.57 9.25 13.76
CA HIS A 257 7.20 9.95 14.99
C HIS A 257 6.69 8.99 16.06
#